data_1JDX
#
_entry.id   1JDX
#
_cell.length_a   83.800
_cell.length_b   83.800
_cell.length_c   199.600
_cell.angle_alpha   90.00
_cell.angle_beta   90.00
_cell.angle_gamma   90.00
#
_symmetry.space_group_name_H-M   'P 43 21 2'
#
loop_
_entity.id
_entity.type
_entity.pdbx_description
1 polymer 'PROTEIN (L-ARGININE:GLYCINE AMIDINOTRANSFERASE)'
2 non-polymer NORVALINE
3 water water
#
_entity_poly.entity_id   1
_entity_poly.type   'polypeptide(L)'
_entity_poly.pdbx_seq_one_letter_code
;STQAATASSRNSCAADDKATEPLPKDCPVSSYNEWDPLEEVIVGRAENACVPPFTIEVKANTYEKYWPFYQKQGGHYFPK
DHLKKAVAEIEEMCNILKTEGVTVRRPDPIDWSLKYKTPDFESTGLYSAMPRDILIVVGNEIIEAPMAWRSRFFEYRAYR
SIIKDYFHRGAKWTTAPKPTMADELYNQDYPIHSVEDRHKLAAQGKFVTTEFEPCFDAADFIRAGRDIFAQRSQVTNYLG
IEWMRRHLAPDYRVHIISFKDPNPMHIDATFNIIGPGIVLSNPDRPCHQIDLFKKAGWTIITPPTPIIPDDHPLWMSSKW
LSMNVLMLDEKRVMVDANEVPIQKMFEKLGITTIKVNIRNANSLGGGFHCWTCDVRRRGTLQSYLD
;
_entity_poly.pdbx_strand_id   A
#
# COMPACT_ATOMS: atom_id res chain seq x y z
N CYS A 27 0.89 9.98 -23.77
CA CYS A 27 0.67 8.69 -23.02
C CYS A 27 1.51 8.74 -21.77
N PRO A 28 1.17 9.63 -20.83
CA PRO A 28 1.93 9.77 -19.59
C PRO A 28 1.89 8.53 -18.71
N VAL A 29 0.78 7.81 -18.78
CA VAL A 29 0.57 6.63 -17.96
C VAL A 29 0.88 5.36 -18.70
N SER A 30 1.67 4.50 -18.08
CA SER A 30 2.05 3.23 -18.67
C SER A 30 2.95 2.48 -17.70
N SER A 31 2.39 1.51 -16.98
CA SER A 31 3.17 0.73 -16.03
C SER A 31 2.55 -0.66 -15.94
N TYR A 32 3.33 -1.70 -16.23
CA TYR A 32 2.82 -3.09 -16.19
C TYR A 32 3.32 -3.94 -15.04
N ASN A 33 4.31 -3.46 -14.30
CA ASN A 33 4.87 -4.22 -13.19
C ASN A 33 5.57 -3.29 -12.23
N GLU A 34 6.24 -3.88 -11.24
CA GLU A 34 6.94 -3.14 -10.21
C GLU A 34 8.46 -2.87 -10.44
N TRP A 35 9.02 -3.29 -11.56
CA TRP A 35 10.47 -3.16 -11.78
C TRP A 35 11.02 -2.47 -13.03
N ASP A 36 10.25 -2.33 -14.10
CA ASP A 36 10.75 -1.68 -15.31
C ASP A 36 11.27 -0.28 -14.99
N PRO A 37 12.18 0.25 -15.81
CA PRO A 37 12.75 1.58 -15.61
C PRO A 37 11.73 2.65 -15.31
N LEU A 38 11.75 3.09 -14.06
CA LEU A 38 10.84 4.11 -13.58
C LEU A 38 11.08 5.45 -14.23
N GLU A 39 10.00 6.08 -14.71
CA GLU A 39 10.09 7.38 -15.35
C GLU A 39 9.24 8.45 -14.68
N GLU A 40 8.13 8.06 -14.08
CA GLU A 40 7.29 9.05 -13.45
C GLU A 40 6.65 8.40 -12.26
N VAL A 41 6.51 9.15 -11.18
CA VAL A 41 5.96 8.62 -9.96
C VAL A 41 5.23 9.74 -9.21
N ILE A 42 4.24 9.35 -8.39
CA ILE A 42 3.50 10.28 -7.55
C ILE A 42 4.00 9.92 -6.17
N VAL A 43 4.31 10.93 -5.36
CA VAL A 43 4.80 10.72 -4.00
C VAL A 43 3.84 11.42 -3.02
N GLY A 44 3.42 10.71 -1.97
CA GLY A 44 2.50 11.26 -1.00
C GLY A 44 2.96 12.46 -0.18
N ARG A 45 2.06 12.94 0.70
CA ARG A 45 2.31 14.07 1.58
C ARG A 45 1.96 13.72 3.00
N ALA A 46 2.73 14.25 3.95
CA ALA A 46 2.49 14.01 5.36
C ALA A 46 1.71 15.18 5.96
N GLU A 47 1.59 16.28 5.20
CA GLU A 47 0.89 17.47 5.66
C GLU A 47 -0.56 17.25 6.09
N ASN A 48 -0.88 17.80 7.27
CA ASN A 48 -2.22 17.76 7.86
C ASN A 48 -2.83 16.39 8.14
N ALA A 49 -1.98 15.36 8.23
CA ALA A 49 -2.43 14.02 8.53
C ALA A 49 -3.14 14.02 9.88
N CYS A 50 -4.27 13.31 9.98
CA CYS A 50 -5.04 13.22 11.21
C CYS A 50 -5.19 11.81 11.70
N VAL A 51 -5.17 11.65 13.02
CA VAL A 51 -5.34 10.36 13.64
C VAL A 51 -6.81 10.03 13.31
N PRO A 52 -7.06 8.86 12.71
CA PRO A 52 -8.44 8.52 12.38
C PRO A 52 -9.28 8.17 13.59
N PRO A 53 -10.59 8.48 13.54
CA PRO A 53 -11.46 8.15 14.68
C PRO A 53 -11.33 6.64 14.96
N PHE A 54 -11.36 6.27 16.23
CA PHE A 54 -11.19 4.89 16.65
C PHE A 54 -12.44 4.02 16.47
N THR A 55 -12.74 3.67 15.23
CA THR A 55 -13.89 2.84 14.94
C THR A 55 -13.39 1.41 14.77
N ILE A 56 -14.33 0.46 14.72
CA ILE A 56 -14.01 -0.97 14.61
C ILE A 56 -12.91 -1.36 13.61
N GLU A 57 -12.97 -0.82 12.39
CA GLU A 57 -11.97 -1.17 11.38
C GLU A 57 -10.56 -0.60 11.67
N VAL A 58 -10.51 0.51 12.41
CA VAL A 58 -9.22 1.11 12.78
C VAL A 58 -8.67 0.25 13.91
N LYS A 59 -9.52 -0.07 14.90
CA LYS A 59 -9.12 -0.90 16.01
C LYS A 59 -8.56 -2.24 15.56
N ALA A 60 -9.15 -2.81 14.52
CA ALA A 60 -8.71 -4.08 13.97
C ALA A 60 -7.27 -4.02 13.46
N ASN A 61 -6.84 -2.83 13.05
CA ASN A 61 -5.48 -2.66 12.53
C ASN A 61 -4.45 -2.20 13.58
N THR A 62 -4.93 -1.58 14.65
CA THR A 62 -4.06 -1.05 15.67
C THR A 62 -3.50 -2.00 16.74
N TYR A 63 -2.18 -1.89 16.96
CA TYR A 63 -1.51 -2.69 17.97
C TYR A 63 -1.90 -2.14 19.34
N GLU A 64 -2.23 -3.03 20.26
CA GLU A 64 -2.64 -2.68 21.64
C GLU A 64 -1.83 -1.51 22.20
N LYS A 65 -0.54 -1.54 21.91
CA LYS A 65 0.40 -0.53 22.35
C LYS A 65 -0.06 0.89 22.05
N TYR A 66 -0.82 1.08 20.97
CA TYR A 66 -1.26 2.43 20.58
C TYR A 66 -2.71 2.80 20.80
N TRP A 67 -3.50 1.89 21.36
CA TRP A 67 -4.90 2.19 21.59
C TRP A 67 -5.19 3.48 22.33
N PRO A 68 -4.47 3.76 23.43
CA PRO A 68 -4.70 5.00 24.17
C PRO A 68 -4.45 6.24 23.32
N PHE A 69 -3.41 6.17 22.47
CA PHE A 69 -3.04 7.26 21.57
C PHE A 69 -4.23 7.54 20.63
N TYR A 70 -4.76 6.48 20.03
CA TYR A 70 -5.89 6.62 19.13
C TYR A 70 -7.11 7.08 19.85
N GLN A 71 -7.28 6.58 21.07
CA GLN A 71 -8.41 6.95 21.90
C GLN A 71 -8.42 8.42 22.25
N LYS A 72 -7.24 8.99 22.50
CA LYS A 72 -7.16 10.39 22.87
C LYS A 72 -6.93 11.35 21.71
N GLN A 73 -6.23 10.87 20.68
CA GLN A 73 -5.88 11.67 19.51
C GLN A 73 -6.84 11.68 18.31
N GLY A 74 -7.72 10.67 18.22
CA GLY A 74 -8.65 10.59 17.12
C GLY A 74 -9.29 11.90 16.77
N GLY A 75 -9.25 12.26 15.49
CA GLY A 75 -9.84 13.52 15.05
C GLY A 75 -8.87 14.69 15.07
N HIS A 76 -7.72 14.51 15.71
CA HIS A 76 -6.71 15.55 15.77
C HIS A 76 -5.53 15.17 14.91
N TYR A 77 -4.67 16.15 14.64
CA TYR A 77 -3.48 15.91 13.81
C TYR A 77 -2.50 15.00 14.47
N PHE A 78 -1.73 14.29 13.66
CA PHE A 78 -0.67 13.46 14.18
C PHE A 78 0.32 14.50 14.76
N PRO A 79 1.16 14.11 15.75
CA PRO A 79 2.14 15.02 16.37
C PRO A 79 2.89 15.87 15.33
N LYS A 80 2.62 17.17 15.36
CA LYS A 80 3.22 18.09 14.38
C LYS A 80 4.74 18.12 14.31
N ASP A 81 5.39 17.93 15.45
CA ASP A 81 6.85 17.89 15.49
C ASP A 81 7.30 16.66 14.69
N HIS A 82 6.51 15.60 14.76
CA HIS A 82 6.82 14.37 14.04
C HIS A 82 6.53 14.56 12.55
N LEU A 83 5.41 15.22 12.24
CA LEU A 83 5.04 15.45 10.85
C LEU A 83 6.10 16.28 10.15
N LYS A 84 6.68 17.25 10.85
CA LYS A 84 7.72 18.10 10.28
C LYS A 84 8.96 17.31 9.82
N LYS A 85 9.35 16.30 10.60
CA LYS A 85 10.51 15.45 10.26
C LYS A 85 10.20 14.58 9.07
N ALA A 86 8.97 14.06 8.99
CA ALA A 86 8.51 13.27 7.85
C ALA A 86 8.48 14.14 6.59
N VAL A 87 8.00 15.37 6.71
CA VAL A 87 7.96 16.31 5.56
C VAL A 87 9.36 16.45 4.98
N ALA A 88 10.35 16.70 5.85
CA ALA A 88 11.74 16.87 5.43
C ALA A 88 12.28 15.59 4.75
N GLU A 89 12.04 14.44 5.36
CA GLU A 89 12.46 13.15 4.80
C GLU A 89 11.89 12.90 3.40
N ILE A 90 10.61 13.21 3.19
CA ILE A 90 9.98 12.99 1.89
C ILE A 90 10.47 13.98 0.84
N GLU A 91 10.82 15.19 1.26
CA GLU A 91 11.36 16.17 0.32
C GLU A 91 12.69 15.69 -0.20
N GLU A 92 13.51 15.12 0.69
CA GLU A 92 14.82 14.59 0.29
C GLU A 92 14.64 13.42 -0.68
N MET A 93 13.75 12.50 -0.32
CA MET A 93 13.42 11.37 -1.18
C MET A 93 13.03 11.91 -2.56
N CYS A 94 12.25 12.99 -2.61
CA CYS A 94 11.86 13.56 -3.89
C CYS A 94 13.06 14.11 -4.63
N ASN A 95 14.00 14.73 -3.90
CA ASN A 95 15.20 15.27 -4.55
C ASN A 95 15.99 14.13 -5.16
N ILE A 96 16.12 13.05 -4.41
CA ILE A 96 16.84 11.87 -4.88
C ILE A 96 16.18 11.25 -6.12
N LEU A 97 14.86 11.18 -6.12
CA LEU A 97 14.16 10.62 -7.27
C LEU A 97 14.44 11.46 -8.50
N LYS A 98 14.40 12.78 -8.35
CA LYS A 98 14.68 13.67 -9.49
C LYS A 98 16.12 13.48 -9.98
N THR A 99 17.03 13.27 -9.04
CA THR A 99 18.44 13.03 -9.33
C THR A 99 18.56 11.74 -10.18
N GLU A 100 17.77 10.74 -9.81
CA GLU A 100 17.77 9.47 -10.53
C GLU A 100 16.99 9.53 -11.84
N GLY A 101 16.59 10.73 -12.24
CA GLY A 101 15.86 10.91 -13.49
C GLY A 101 14.36 10.65 -13.50
N VAL A 102 13.74 10.56 -12.33
CA VAL A 102 12.31 10.31 -12.21
C VAL A 102 11.54 11.61 -12.06
N THR A 103 10.47 11.75 -12.83
CA THR A 103 9.61 12.92 -12.75
C THR A 103 8.68 12.67 -11.56
N VAL A 104 8.62 13.62 -10.63
CA VAL A 104 7.80 13.47 -9.43
C VAL A 104 6.58 14.40 -9.40
N ARG A 105 5.42 13.84 -9.08
CA ARG A 105 4.18 14.62 -8.96
C ARG A 105 3.76 14.43 -7.50
N ARG A 106 3.14 15.45 -6.91
CA ARG A 106 2.70 15.41 -5.53
C ARG A 106 1.20 15.73 -5.43
N PRO A 107 0.49 15.09 -4.50
CA PRO A 107 -0.93 15.39 -4.37
C PRO A 107 -1.12 16.80 -3.83
N ASP A 108 -2.33 17.32 -3.91
CA ASP A 108 -2.63 18.66 -3.42
C ASP A 108 -2.70 18.67 -1.91
N PRO A 109 -2.28 19.77 -1.26
CA PRO A 109 -2.33 19.86 0.20
C PRO A 109 -3.80 20.05 0.58
N ILE A 110 -4.23 19.31 1.59
CA ILE A 110 -5.60 19.35 2.04
C ILE A 110 -5.63 19.27 3.54
N ASP A 111 -6.57 19.94 4.18
CA ASP A 111 -6.67 19.81 5.61
C ASP A 111 -7.56 18.58 5.86
N TRP A 112 -6.95 17.51 6.33
CA TRP A 112 -7.64 16.26 6.59
C TRP A 112 -8.51 16.24 7.83
N SER A 113 -8.54 17.35 8.57
CA SER A 113 -9.34 17.39 9.79
C SER A 113 -10.83 17.74 9.53
N LEU A 114 -11.17 18.12 8.30
CA LEU A 114 -12.56 18.46 7.99
C LEU A 114 -13.47 17.26 8.23
N LYS A 115 -14.55 17.49 8.96
CA LYS A 115 -15.53 16.47 9.28
C LYS A 115 -16.55 16.48 8.15
N TYR A 116 -16.77 15.34 7.53
CA TYR A 116 -17.74 15.23 6.46
C TYR A 116 -18.84 14.26 6.89
N LYS A 117 -19.95 14.28 6.17
CA LYS A 117 -21.09 13.45 6.51
C LYS A 117 -21.80 12.92 5.30
N THR A 118 -21.87 11.60 5.18
CA THR A 118 -22.60 10.98 4.08
C THR A 118 -23.91 10.50 4.73
N PRO A 119 -24.89 10.06 3.91
CA PRO A 119 -26.13 9.59 4.54
C PRO A 119 -25.93 8.37 5.44
N ASP A 120 -24.77 7.71 5.32
CA ASP A 120 -24.44 6.52 6.10
C ASP A 120 -23.55 6.69 7.33
N PHE A 121 -22.73 7.75 7.36
CA PHE A 121 -21.82 7.95 8.48
C PHE A 121 -21.23 9.35 8.47
N GLU A 122 -20.48 9.64 9.52
CA GLU A 122 -19.86 10.94 9.69
C GLU A 122 -18.41 10.64 10.09
N SER A 123 -17.46 11.46 9.65
CA SER A 123 -16.05 11.20 10.00
C SER A 123 -15.12 12.32 9.61
N THR A 124 -13.89 12.24 10.12
CA THR A 124 -12.82 13.20 9.78
C THR A 124 -11.87 12.35 8.90
N GLY A 125 -11.00 13.00 8.12
CA GLY A 125 -10.11 12.27 7.23
C GLY A 125 -8.82 11.74 7.83
N LEU A 126 -7.98 11.14 6.98
CA LEU A 126 -6.69 10.58 7.42
C LEU A 126 -5.53 11.40 6.83
N TYR A 127 -5.17 11.13 5.58
CA TYR A 127 -4.06 11.84 4.92
C TYR A 127 -3.98 11.42 3.45
N SER A 128 -2.96 11.90 2.75
CA SER A 128 -2.74 11.48 1.37
C SER A 128 -1.25 11.14 1.30
N ALA A 129 -0.80 10.44 2.32
CA ALA A 129 0.59 10.05 2.46
C ALA A 129 0.92 8.84 1.59
N MET A 130 -0.05 7.95 1.41
CA MET A 130 0.19 6.73 0.66
C MET A 130 -0.55 6.58 -0.67
N PRO A 131 0.07 7.00 -1.78
CA PRO A 131 -0.59 6.88 -3.08
C PRO A 131 -0.86 5.41 -3.44
N ARG A 132 0.00 4.52 -2.95
CA ARG A 132 -0.13 3.10 -3.22
C ARG A 132 -1.43 2.54 -2.65
N ASP A 133 -1.95 3.16 -1.60
CA ASP A 133 -3.18 2.68 -0.95
C ASP A 133 -4.44 2.87 -1.75
N ILE A 134 -4.44 3.91 -2.58
CA ILE A 134 -5.60 4.30 -3.36
C ILE A 134 -5.50 4.28 -4.90
N LEU A 135 -4.29 4.33 -5.45
CA LEU A 135 -4.12 4.32 -6.89
C LEU A 135 -3.30 3.16 -7.38
N ILE A 136 -3.71 2.56 -8.48
CA ILE A 136 -2.95 1.47 -9.07
C ILE A 136 -3.01 1.71 -10.56
N VAL A 137 -1.87 1.52 -11.23
CA VAL A 137 -1.76 1.70 -12.67
C VAL A 137 -1.61 0.32 -13.32
N VAL A 138 -2.50 0.01 -14.25
CA VAL A 138 -2.45 -1.25 -14.98
C VAL A 138 -2.45 -0.82 -16.44
N GLY A 139 -1.26 -0.87 -17.06
CA GLY A 139 -1.16 -0.46 -18.45
C GLY A 139 -1.28 1.05 -18.54
N ASN A 140 -2.24 1.52 -19.34
CA ASN A 140 -2.51 2.94 -19.57
C ASN A 140 -3.65 3.41 -18.72
N GLU A 141 -4.02 2.62 -17.73
CA GLU A 141 -5.16 2.95 -16.92
C GLU A 141 -4.87 3.17 -15.46
N ILE A 142 -5.33 4.31 -14.95
CA ILE A 142 -5.17 4.59 -13.55
C ILE A 142 -6.53 4.32 -12.90
N ILE A 143 -6.52 3.48 -11.87
CA ILE A 143 -7.68 3.05 -11.13
C ILE A 143 -7.65 3.54 -9.69
N GLU A 144 -8.72 4.20 -9.24
CA GLU A 144 -8.82 4.67 -7.88
C GLU A 144 -9.57 3.59 -7.11
N ALA A 145 -8.93 3.06 -6.08
CA ALA A 145 -9.54 2.03 -5.22
C ALA A 145 -10.68 2.71 -4.46
N PRO A 146 -11.67 1.93 -4.02
CA PRO A 146 -12.84 2.45 -3.28
C PRO A 146 -12.54 2.77 -1.81
N MET A 147 -11.62 2.00 -1.23
CA MET A 147 -11.19 2.08 0.18
C MET A 147 -12.20 1.32 1.03
N ALA A 148 -11.89 1.16 2.31
CA ALA A 148 -12.75 0.45 3.26
C ALA A 148 -12.85 1.19 4.59
N TRP A 149 -12.00 2.19 4.78
CA TRP A 149 -11.99 2.97 6.03
C TRP A 149 -12.82 4.22 5.84
N ARG A 150 -13.67 4.51 6.83
CA ARG A 150 -14.51 5.70 6.79
C ARG A 150 -13.71 7.00 6.73
N SER A 151 -12.54 6.99 7.36
CA SER A 151 -11.68 8.18 7.36
C SER A 151 -10.95 8.36 6.03
N ARG A 152 -11.17 7.43 5.10
CA ARG A 152 -10.49 7.52 3.81
C ARG A 152 -11.46 7.61 2.63
N PHE A 153 -12.71 7.89 2.94
CA PHE A 153 -13.75 8.00 1.92
C PHE A 153 -13.42 9.05 0.87
N PHE A 154 -12.98 10.21 1.33
CA PHE A 154 -12.68 11.31 0.42
C PHE A 154 -11.21 11.51 0.13
N GLU A 155 -10.42 10.46 0.29
CA GLU A 155 -8.99 10.58 0.07
C GLU A 155 -8.63 10.88 -1.39
N TYR A 156 -9.48 10.45 -2.32
CA TYR A 156 -9.25 10.68 -3.75
C TYR A 156 -9.17 12.16 -4.15
N ARG A 157 -9.74 13.03 -3.34
CA ARG A 157 -9.75 14.46 -3.62
C ARG A 157 -8.35 15.06 -3.77
N ALA A 158 -7.37 14.52 -3.06
CA ALA A 158 -6.00 15.03 -3.14
C ALA A 158 -5.32 14.75 -4.47
N TYR A 159 -5.77 13.69 -5.16
CA TYR A 159 -5.17 13.26 -6.42
C TYR A 159 -5.87 13.67 -7.70
N ARG A 160 -7.03 14.33 -7.61
CA ARG A 160 -7.77 14.67 -8.82
C ARG A 160 -7.06 15.61 -9.81
N SER A 161 -6.27 16.58 -9.31
CA SER A 161 -5.55 17.50 -10.22
C SER A 161 -4.58 16.71 -11.10
N ILE A 162 -3.85 15.77 -10.49
CA ILE A 162 -2.91 14.94 -11.24
C ILE A 162 -3.64 14.05 -12.26
N ILE A 163 -4.66 13.32 -11.78
CA ILE A 163 -5.41 12.40 -12.63
C ILE A 163 -6.10 13.08 -13.81
N LYS A 164 -6.65 14.27 -13.60
CA LYS A 164 -7.32 14.97 -14.71
C LYS A 164 -6.32 15.35 -15.79
N ASP A 165 -5.10 15.69 -15.37
CA ASP A 165 -4.03 16.04 -16.29
C ASP A 165 -3.65 14.84 -17.15
N TYR A 166 -3.49 13.69 -16.53
CA TYR A 166 -3.16 12.48 -17.28
C TYR A 166 -4.30 12.14 -18.23
N PHE A 167 -5.53 12.33 -17.75
CA PHE A 167 -6.72 12.07 -18.56
C PHE A 167 -6.72 12.97 -19.79
N HIS A 168 -6.53 14.28 -19.58
CA HIS A 168 -6.45 15.21 -20.70
C HIS A 168 -5.35 14.78 -21.68
N ARG A 169 -4.32 14.11 -21.17
CA ARG A 169 -3.21 13.65 -22.00
C ARG A 169 -3.33 12.24 -22.55
N GLY A 170 -4.51 11.65 -22.49
CA GLY A 170 -4.71 10.33 -23.05
C GLY A 170 -4.83 9.09 -22.17
N ALA A 171 -4.69 9.22 -20.87
CA ALA A 171 -4.78 8.03 -20.03
C ALA A 171 -6.23 7.60 -19.75
N LYS A 172 -6.41 6.33 -19.44
CA LYS A 172 -7.70 5.80 -19.09
C LYS A 172 -7.82 6.05 -17.60
N TRP A 173 -9.02 6.40 -17.14
CA TRP A 173 -9.27 6.74 -15.77
C TRP A 173 -10.50 5.95 -15.31
N THR A 174 -10.33 5.18 -14.24
CA THR A 174 -11.37 4.35 -13.69
C THR A 174 -11.47 4.51 -12.18
N THR A 175 -12.68 4.62 -11.65
CA THR A 175 -12.88 4.67 -10.21
C THR A 175 -13.77 3.45 -9.92
N ALA A 176 -13.25 2.50 -9.12
CA ALA A 176 -14.01 1.32 -8.73
C ALA A 176 -15.20 1.82 -7.88
N PRO A 177 -16.31 1.05 -7.80
CA PRO A 177 -17.47 1.48 -7.02
C PRO A 177 -17.20 1.84 -5.56
N LYS A 178 -17.46 3.09 -5.23
CA LYS A 178 -17.28 3.65 -3.91
C LYS A 178 -18.34 3.04 -2.99
N PRO A 179 -17.94 2.38 -1.88
CA PRO A 179 -18.90 1.77 -0.96
C PRO A 179 -19.71 2.80 -0.18
N THR A 180 -20.79 2.32 0.45
CA THR A 180 -21.61 3.19 1.29
C THR A 180 -20.88 3.27 2.65
N MET A 181 -20.19 2.18 2.98
CA MET A 181 -19.46 2.04 4.24
C MET A 181 -20.43 2.12 5.40
N ALA A 182 -21.61 1.56 5.18
CA ALA A 182 -22.65 1.52 6.19
C ALA A 182 -22.20 0.43 7.17
N ASP A 183 -22.81 0.41 8.35
CA ASP A 183 -22.48 -0.58 9.37
C ASP A 183 -22.38 -2.00 8.87
N GLU A 184 -23.23 -2.33 7.91
CA GLU A 184 -23.28 -3.67 7.32
C GLU A 184 -21.97 -4.12 6.71
N LEU A 185 -21.09 -3.18 6.41
CA LEU A 185 -19.82 -3.54 5.81
C LEU A 185 -18.85 -4.06 6.87
N TYR A 186 -19.11 -3.76 8.14
CA TYR A 186 -18.19 -4.15 9.20
C TYR A 186 -18.74 -5.18 10.17
N ASN A 187 -17.84 -6.06 10.58
CA ASN A 187 -18.13 -7.13 11.52
C ASN A 187 -17.99 -6.46 12.87
N GLN A 188 -19.06 -5.82 13.30
CA GLN A 188 -19.06 -5.08 14.56
C GLN A 188 -18.60 -5.87 15.77
N ASP A 189 -18.70 -7.20 15.68
CA ASP A 189 -18.30 -8.06 16.79
C ASP A 189 -17.03 -8.88 16.50
N TYR A 190 -16.13 -8.31 15.72
CA TYR A 190 -14.87 -8.98 15.38
C TYR A 190 -14.07 -9.00 16.70
N PRO A 191 -13.28 -10.08 16.96
CA PRO A 191 -12.47 -10.20 18.18
C PRO A 191 -11.20 -9.35 18.09
N ILE A 192 -11.38 -8.06 17.87
CA ILE A 192 -10.27 -7.14 17.73
C ILE A 192 -9.41 -7.08 18.98
N HIS A 193 -10.08 -6.98 20.12
CA HIS A 193 -9.51 -6.88 21.48
C HIS A 193 -8.33 -7.78 21.84
N SER A 194 -7.90 -8.58 20.85
CA SER A 194 -6.80 -9.54 20.93
C SER A 194 -7.53 -10.84 21.12
N VAL A 195 -7.06 -11.88 20.44
CA VAL A 195 -7.68 -13.16 20.53
C VAL A 195 -6.86 -14.11 19.69
N GLU A 196 -6.25 -13.57 18.64
CA GLU A 196 -5.42 -14.36 17.74
C GLU A 196 -6.11 -15.43 16.90
N ASP A 197 -7.29 -15.90 17.33
CA ASP A 197 -8.06 -16.85 16.54
C ASP A 197 -8.59 -16.06 15.31
N ARG A 198 -8.12 -14.81 15.19
CA ARG A 198 -8.41 -13.96 14.06
C ARG A 198 -7.80 -14.80 12.94
N HIS A 199 -6.75 -15.56 13.31
CA HIS A 199 -6.03 -16.50 12.44
C HIS A 199 -7.05 -17.54 11.93
N LYS A 200 -7.94 -17.97 12.83
CA LYS A 200 -8.98 -18.96 12.53
C LYS A 200 -10.00 -18.39 11.53
N LEU A 201 -10.45 -17.18 11.80
CA LEU A 201 -11.38 -16.49 10.91
C LEU A 201 -10.65 -16.24 9.62
N ALA A 202 -9.39 -15.80 9.78
CA ALA A 202 -8.49 -15.51 8.67
C ALA A 202 -8.33 -16.75 7.82
N ALA A 203 -8.32 -17.91 8.48
CA ALA A 203 -8.20 -19.20 7.81
C ALA A 203 -9.43 -19.38 6.92
N GLN A 204 -10.55 -18.83 7.38
CA GLN A 204 -11.83 -18.89 6.68
C GLN A 204 -12.00 -17.70 5.74
N GLY A 205 -10.97 -16.85 5.64
CA GLY A 205 -11.04 -15.67 4.79
C GLY A 205 -12.01 -14.68 5.40
N LYS A 206 -12.23 -14.78 6.71
CA LYS A 206 -13.14 -13.91 7.44
C LYS A 206 -12.41 -12.82 8.25
N PHE A 207 -12.72 -11.57 7.93
CA PHE A 207 -12.08 -10.42 8.56
C PHE A 207 -13.04 -9.38 9.15
N VAL A 208 -12.56 -8.16 9.40
CA VAL A 208 -13.40 -7.10 9.96
C VAL A 208 -14.40 -6.59 8.91
N THR A 209 -14.09 -6.74 7.62
CA THR A 209 -15.01 -6.31 6.58
C THR A 209 -15.81 -7.52 6.07
N THR A 210 -17.10 -7.31 5.89
CA THR A 210 -18.01 -8.33 5.41
C THR A 210 -18.01 -8.30 3.88
N GLU A 211 -18.90 -9.07 3.30
CA GLU A 211 -19.05 -9.10 1.86
C GLU A 211 -20.30 -8.31 1.46
N PHE A 212 -20.69 -7.35 2.29
CA PHE A 212 -21.85 -6.52 2.04
C PHE A 212 -21.83 -5.77 0.70
N GLU A 213 -20.68 -5.24 0.32
CA GLU A 213 -20.50 -4.49 -0.93
C GLU A 213 -18.99 -4.54 -1.23
N PRO A 214 -18.58 -4.24 -2.48
CA PRO A 214 -17.15 -4.28 -2.82
C PRO A 214 -16.33 -3.20 -2.12
N CYS A 215 -15.16 -3.59 -1.62
CA CYS A 215 -14.26 -2.64 -1.00
C CYS A 215 -12.85 -3.19 -1.14
N PHE A 216 -11.88 -2.30 -1.22
CA PHE A 216 -10.49 -2.68 -1.33
C PHE A 216 -9.53 -1.50 -1.35
N ASP A 217 -8.30 -1.77 -0.93
CA ASP A 217 -7.23 -0.78 -0.98
C ASP A 217 -6.40 -1.30 -2.14
N ALA A 218 -5.91 -0.41 -2.99
CA ALA A 218 -5.14 -0.85 -4.15
C ALA A 218 -3.86 -1.58 -3.75
N ALA A 219 -3.35 -1.27 -2.56
CA ALA A 219 -2.09 -1.88 -2.09
C ALA A 219 -2.17 -3.38 -1.78
N ASP A 220 -3.35 -3.97 -1.92
CA ASP A 220 -3.52 -5.39 -1.68
C ASP A 220 -3.31 -6.13 -2.98
N PHE A 221 -2.98 -5.39 -4.04
CA PHE A 221 -2.72 -5.95 -5.37
C PHE A 221 -1.26 -5.62 -5.72
N ILE A 222 -0.55 -6.57 -6.33
CA ILE A 222 0.83 -6.35 -6.73
C ILE A 222 0.96 -6.88 -8.15
N ARG A 223 1.57 -6.09 -9.02
CA ARG A 223 1.66 -6.41 -10.43
C ARG A 223 2.90 -7.10 -10.97
N ALA A 224 2.67 -8.06 -11.87
CA ALA A 224 3.72 -8.80 -12.56
C ALA A 224 3.26 -9.01 -14.02
N GLY A 225 3.06 -7.92 -14.75
CA GLY A 225 2.62 -8.01 -16.15
C GLY A 225 1.18 -8.49 -16.31
N ARG A 226 1.01 -9.60 -17.01
CA ARG A 226 -0.32 -10.17 -17.22
C ARG A 226 -0.92 -10.78 -15.97
N ASP A 227 -0.13 -10.91 -14.91
CA ASP A 227 -0.61 -11.51 -13.68
C ASP A 227 -0.53 -10.55 -12.52
N ILE A 228 -1.65 -10.41 -11.82
CA ILE A 228 -1.78 -9.52 -10.69
C ILE A 228 -2.21 -10.40 -9.53
N PHE A 229 -1.52 -10.25 -8.41
CA PHE A 229 -1.81 -11.07 -7.26
C PHE A 229 -2.50 -10.19 -6.23
N ALA A 230 -3.55 -10.73 -5.59
CA ALA A 230 -4.32 -9.98 -4.63
C ALA A 230 -4.51 -10.80 -3.38
N GLN A 231 -4.72 -10.12 -2.26
CA GLN A 231 -4.92 -10.82 -1.00
C GLN A 231 -6.21 -10.31 -0.37
N ARG A 232 -7.02 -11.22 0.14
CA ARG A 232 -8.25 -10.82 0.83
C ARG A 232 -7.70 -10.36 2.18
N SER A 233 -7.99 -9.13 2.59
CA SER A 233 -7.45 -8.63 3.84
C SER A 233 -8.52 -7.98 4.68
N GLN A 234 -8.11 -7.24 5.70
CA GLN A 234 -9.05 -6.55 6.56
C GLN A 234 -9.84 -5.50 5.77
N VAL A 235 -9.22 -4.94 4.73
CA VAL A 235 -9.84 -3.88 3.90
C VAL A 235 -10.18 -4.26 2.46
N THR A 236 -9.79 -5.46 2.01
CA THR A 236 -10.06 -5.93 0.65
C THR A 236 -10.85 -7.22 0.71
N ASN A 237 -12.14 -7.17 0.33
CA ASN A 237 -12.98 -8.37 0.37
C ASN A 237 -13.02 -9.12 -0.97
N TYR A 238 -13.60 -10.31 -0.98
CA TYR A 238 -13.67 -11.08 -2.22
C TYR A 238 -14.50 -10.38 -3.29
N LEU A 239 -15.48 -9.61 -2.86
CA LEU A 239 -16.30 -8.86 -3.80
C LEU A 239 -15.42 -7.85 -4.52
N GLY A 240 -14.56 -7.17 -3.75
CA GLY A 240 -13.64 -6.19 -4.29
C GLY A 240 -12.67 -6.83 -5.27
N ILE A 241 -12.14 -7.99 -4.91
CA ILE A 241 -11.21 -8.70 -5.78
C ILE A 241 -11.90 -9.15 -7.09
N GLU A 242 -13.14 -9.62 -6.96
CA GLU A 242 -13.92 -10.07 -8.11
C GLU A 242 -14.23 -8.91 -9.03
N TRP A 243 -14.45 -7.73 -8.47
CA TRP A 243 -14.69 -6.56 -9.30
C TRP A 243 -13.44 -6.26 -10.15
N MET A 244 -12.27 -6.31 -9.52
CA MET A 244 -10.99 -6.09 -10.23
C MET A 244 -10.77 -7.14 -11.31
N ARG A 245 -10.96 -8.40 -10.94
CA ARG A 245 -10.80 -9.53 -11.87
C ARG A 245 -11.68 -9.36 -13.09
N ARG A 246 -12.96 -9.06 -12.85
CA ARG A 246 -13.95 -8.88 -13.93
C ARG A 246 -13.69 -7.62 -14.75
N HIS A 247 -13.24 -6.57 -14.09
CA HIS A 247 -12.95 -5.33 -14.79
C HIS A 247 -11.73 -5.43 -15.72
N LEU A 248 -10.74 -6.25 -15.35
CA LEU A 248 -9.49 -6.36 -16.13
C LEU A 248 -9.41 -7.48 -17.13
N ALA A 249 -10.23 -8.50 -16.95
CA ALA A 249 -10.25 -9.63 -17.86
C ALA A 249 -10.65 -9.10 -19.23
N PRO A 250 -10.18 -9.74 -20.32
CA PRO A 250 -9.31 -10.91 -20.33
C PRO A 250 -7.79 -10.65 -20.42
N ASP A 251 -7.39 -9.40 -20.56
CA ASP A 251 -5.97 -9.08 -20.67
C ASP A 251 -5.14 -9.43 -19.44
N TYR A 252 -5.71 -9.26 -18.27
CA TYR A 252 -5.00 -9.56 -17.04
C TYR A 252 -5.72 -10.60 -16.24
N ARG A 253 -4.97 -11.38 -15.48
CA ARG A 253 -5.49 -12.42 -14.63
C ARG A 253 -5.16 -12.01 -13.22
N VAL A 254 -6.18 -11.90 -12.37
CA VAL A 254 -6.04 -11.53 -10.97
C VAL A 254 -6.10 -12.83 -10.16
N HIS A 255 -5.04 -13.14 -9.43
CA HIS A 255 -4.95 -14.38 -8.63
C HIS A 255 -5.00 -14.03 -7.18
N ILE A 256 -5.67 -14.86 -6.40
CA ILE A 256 -5.78 -14.62 -4.98
C ILE A 256 -4.76 -15.50 -4.31
N ILE A 257 -4.01 -14.95 -3.37
CA ILE A 257 -3.03 -15.71 -2.62
C ILE A 257 -3.21 -15.29 -1.18
N SER A 258 -2.85 -16.19 -0.27
CA SER A 258 -3.00 -15.93 1.15
C SER A 258 -1.69 -16.23 1.87
N PHE A 259 -1.57 -15.70 3.08
CA PHE A 259 -0.37 -15.84 3.87
C PHE A 259 -0.77 -16.09 5.32
N LYS A 260 0.18 -16.48 6.15
CA LYS A 260 -0.09 -16.66 7.58
C LYS A 260 0.02 -15.25 8.15
N ASP A 261 -1.12 -14.62 8.44
CA ASP A 261 -1.14 -13.23 8.93
C ASP A 261 -2.53 -12.97 9.56
N PRO A 262 -2.57 -12.66 10.88
CA PRO A 262 -3.80 -12.37 11.64
C PRO A 262 -4.34 -10.94 11.48
N ASN A 263 -3.57 -10.08 10.81
CA ASN A 263 -3.99 -8.72 10.57
C ASN A 263 -3.45 -8.17 9.23
N PRO A 264 -3.88 -8.77 8.12
CA PRO A 264 -3.41 -8.29 6.82
C PRO A 264 -4.08 -6.98 6.35
N MET A 265 -3.27 -6.10 5.79
CA MET A 265 -3.75 -4.84 5.23
C MET A 265 -2.62 -4.44 4.32
N HIS A 266 -2.79 -4.71 3.03
CA HIS A 266 -1.80 -4.43 2.00
C HIS A 266 -0.83 -5.61 1.92
N ILE A 267 -0.41 -5.91 0.68
CA ILE A 267 0.44 -7.05 0.41
C ILE A 267 1.95 -6.75 0.28
N ASP A 268 2.29 -5.48 0.00
CA ASP A 268 3.67 -5.06 -0.23
C ASP A 268 4.73 -5.09 0.87
N ALA A 269 4.37 -5.64 2.03
CA ALA A 269 5.31 -5.81 3.14
C ALA A 269 5.16 -7.28 3.55
N THR A 270 4.70 -8.08 2.58
CA THR A 270 4.48 -9.49 2.80
C THR A 270 5.00 -10.27 1.62
N PHE A 271 4.71 -9.78 0.42
CA PHE A 271 5.11 -10.45 -0.81
C PHE A 271 5.36 -9.29 -1.77
N ASN A 272 6.60 -8.80 -1.78
CA ASN A 272 6.95 -7.68 -2.65
C ASN A 272 7.75 -8.21 -3.86
N ILE A 273 7.15 -8.15 -5.05
CA ILE A 273 7.79 -8.63 -6.26
C ILE A 273 8.76 -7.55 -6.76
N ILE A 274 10.05 -7.92 -6.83
CA ILE A 274 11.12 -6.99 -7.20
C ILE A 274 11.76 -7.16 -8.57
N GLY A 275 11.32 -8.14 -9.33
CA GLY A 275 11.88 -8.32 -10.63
C GLY A 275 11.12 -9.45 -11.26
N PRO A 276 11.40 -9.76 -12.52
CA PRO A 276 10.72 -10.83 -13.24
C PRO A 276 11.06 -12.17 -12.60
N GLY A 277 10.13 -12.78 -11.91
CA GLY A 277 10.41 -14.07 -11.30
C GLY A 277 11.21 -13.99 -10.02
N ILE A 278 11.19 -12.85 -9.34
CA ILE A 278 11.92 -12.68 -8.09
C ILE A 278 10.98 -12.01 -7.14
N VAL A 279 10.91 -12.53 -5.92
CA VAL A 279 10.03 -11.97 -4.93
C VAL A 279 10.61 -12.03 -3.53
N LEU A 280 10.30 -11.01 -2.74
CA LEU A 280 10.70 -10.91 -1.34
C LEU A 280 9.51 -11.43 -0.55
N SER A 281 9.71 -12.51 0.18
CA SER A 281 8.66 -13.11 0.99
C SER A 281 9.02 -12.91 2.47
N ASN A 282 8.11 -12.24 3.19
CA ASN A 282 8.26 -11.95 4.60
C ASN A 282 8.28 -13.28 5.35
N PRO A 283 9.38 -13.58 6.05
CA PRO A 283 9.58 -14.81 6.83
C PRO A 283 8.48 -15.11 7.85
N ASP A 284 7.87 -14.07 8.40
CA ASP A 284 6.80 -14.24 9.38
C ASP A 284 5.44 -14.48 8.73
N ARG A 285 5.34 -14.22 7.43
CA ARG A 285 4.08 -14.36 6.71
C ARG A 285 4.24 -15.23 5.47
N PRO A 286 4.39 -16.55 5.66
CA PRO A 286 4.54 -17.45 4.52
C PRO A 286 3.27 -17.56 3.68
N CYS A 287 3.48 -17.72 2.39
CA CYS A 287 2.40 -17.82 1.43
C CYS A 287 1.93 -19.24 1.33
N HIS A 288 0.62 -19.43 1.48
CA HIS A 288 0.03 -20.75 1.38
C HIS A 288 0.19 -21.33 -0.02
N GLN A 289 0.33 -20.47 -1.01
CA GLN A 289 0.47 -20.92 -2.40
C GLN A 289 1.89 -20.77 -2.92
N ILE A 290 2.89 -20.85 -2.05
CA ILE A 290 4.29 -20.69 -2.50
C ILE A 290 4.73 -21.71 -3.57
N ASP A 291 4.14 -22.89 -3.56
CA ASP A 291 4.49 -23.90 -4.55
C ASP A 291 4.15 -23.53 -5.97
N LEU A 292 3.15 -22.68 -6.15
CA LEU A 292 2.77 -22.22 -7.47
C LEU A 292 3.95 -21.42 -8.08
N PHE A 293 4.63 -20.66 -7.22
CA PHE A 293 5.75 -19.85 -7.65
C PHE A 293 7.02 -20.65 -7.81
N LYS A 294 7.23 -21.63 -6.92
CA LYS A 294 8.39 -22.52 -7.01
C LYS A 294 8.27 -23.33 -8.30
N LYS A 295 7.06 -23.80 -8.61
CA LYS A 295 6.85 -24.54 -9.84
C LYS A 295 7.06 -23.70 -11.10
N ALA A 296 6.88 -22.37 -10.97
CA ALA A 296 7.07 -21.44 -12.08
C ALA A 296 8.53 -21.03 -12.29
N GLY A 297 9.43 -21.57 -11.45
CA GLY A 297 10.84 -21.23 -11.55
C GLY A 297 11.19 -19.88 -10.96
N TRP A 298 10.34 -19.40 -10.05
CA TRP A 298 10.55 -18.11 -9.42
C TRP A 298 11.50 -18.22 -8.24
N THR A 299 12.25 -17.14 -8.02
CA THR A 299 13.20 -17.04 -6.93
C THR A 299 12.57 -16.34 -5.72
N ILE A 300 12.36 -17.08 -4.65
CA ILE A 300 11.79 -16.53 -3.42
C ILE A 300 12.96 -16.24 -2.46
N ILE A 301 13.12 -14.97 -2.12
CA ILE A 301 14.18 -14.48 -1.23
C ILE A 301 13.54 -14.06 0.09
N THR A 302 14.03 -14.54 1.24
CA THR A 302 13.45 -14.06 2.50
C THR A 302 14.44 -13.06 3.12
N PRO A 303 14.02 -11.79 3.22
CA PRO A 303 14.87 -10.74 3.79
C PRO A 303 15.19 -10.95 5.25
N PRO A 304 16.27 -10.30 5.72
CA PRO A 304 16.64 -10.43 7.13
C PRO A 304 15.65 -9.58 7.91
N THR A 305 15.60 -9.76 9.23
CA THR A 305 14.67 -8.99 10.05
C THR A 305 15.02 -7.50 10.16
N PRO A 306 14.01 -6.65 10.38
CA PRO A 306 14.21 -5.21 10.50
C PRO A 306 15.00 -4.88 11.75
N ILE A 307 15.73 -3.77 11.72
CA ILE A 307 16.52 -3.37 12.88
C ILE A 307 15.96 -2.09 13.53
N ILE A 308 14.77 -1.68 13.12
CA ILE A 308 14.14 -0.48 13.65
C ILE A 308 13.86 -0.72 15.15
N PRO A 309 14.23 0.25 16.01
CA PRO A 309 14.04 0.20 17.47
C PRO A 309 12.59 0.04 17.80
N ASP A 310 12.31 -0.72 18.85
CA ASP A 310 10.94 -0.94 19.30
C ASP A 310 10.34 0.30 19.96
N ASP A 311 11.17 1.26 20.31
CA ASP A 311 10.66 2.47 20.93
C ASP A 311 10.17 3.51 19.91
N HIS A 312 10.54 3.32 18.64
CA HIS A 312 10.10 4.24 17.61
C HIS A 312 8.64 3.95 17.28
N PRO A 313 7.80 4.99 17.25
CA PRO A 313 6.37 4.81 16.94
C PRO A 313 6.01 4.47 15.51
N LEU A 314 5.36 3.33 15.35
CA LEU A 314 4.85 2.86 14.07
C LEU A 314 3.35 2.72 14.36
N TRP A 315 2.64 3.84 14.24
CA TRP A 315 1.22 3.89 14.55
C TRP A 315 0.32 3.08 13.64
N MET A 316 0.71 2.97 12.38
CA MET A 316 -0.09 2.29 11.37
C MET A 316 0.34 0.93 10.83
N SER A 317 1.51 0.44 11.21
CA SER A 317 1.98 -0.84 10.65
C SER A 317 2.91 -1.62 11.56
N SER A 318 3.57 -2.61 10.97
CA SER A 318 4.54 -3.43 11.66
C SER A 318 5.93 -2.92 11.29
N LYS A 319 6.95 -3.59 11.81
CA LYS A 319 8.33 -3.22 11.55
C LYS A 319 8.78 -3.59 10.16
N TRP A 320 8.00 -4.45 9.50
CA TRP A 320 8.34 -4.94 8.18
C TRP A 320 8.38 -3.98 6.99
N LEU A 321 8.33 -2.69 7.28
CA LEU A 321 8.42 -1.66 6.25
C LEU A 321 9.78 -1.71 5.56
N SER A 322 10.74 -2.37 6.20
CA SER A 322 12.10 -2.52 5.65
C SER A 322 12.11 -3.20 4.28
N MET A 323 11.18 -4.13 4.05
CA MET A 323 11.10 -4.84 2.78
C MET A 323 10.12 -4.19 1.78
N ASN A 324 9.55 -3.08 2.20
CA ASN A 324 8.61 -2.31 1.40
C ASN A 324 9.44 -1.39 0.49
N VAL A 325 10.38 -1.98 -0.24
CA VAL A 325 11.27 -1.25 -1.12
C VAL A 325 10.64 -0.86 -2.44
N LEU A 326 11.22 0.12 -3.12
CA LEU A 326 10.74 0.57 -4.42
C LEU A 326 11.85 0.31 -5.43
N MET A 327 11.56 -0.36 -6.54
CA MET A 327 12.59 -0.61 -7.56
C MET A 327 12.60 0.51 -8.61
N LEU A 328 13.76 1.08 -8.87
CA LEU A 328 13.86 2.13 -9.86
C LEU A 328 13.99 1.42 -11.19
N ASP A 329 14.54 0.21 -11.13
CA ASP A 329 14.68 -0.68 -12.28
C ASP A 329 15.10 -1.99 -11.68
N GLU A 330 15.35 -2.99 -12.50
CA GLU A 330 15.72 -4.30 -11.97
C GLU A 330 16.95 -4.32 -11.06
N LYS A 331 17.92 -3.46 -11.36
CA LYS A 331 19.17 -3.40 -10.59
C LYS A 331 19.35 -2.23 -9.62
N ARG A 332 18.36 -1.36 -9.47
CA ARG A 332 18.45 -0.22 -8.56
C ARG A 332 17.25 -0.30 -7.67
N VAL A 333 17.47 -0.27 -6.36
CA VAL A 333 16.39 -0.31 -5.38
C VAL A 333 16.56 0.83 -4.39
N MET A 334 15.45 1.47 -4.02
CA MET A 334 15.44 2.53 -3.03
C MET A 334 15.12 1.79 -1.74
N VAL A 335 16.06 1.82 -0.80
CA VAL A 335 15.94 1.08 0.44
C VAL A 335 16.22 2.00 1.64
N ASP A 336 15.75 1.65 2.83
CA ASP A 336 15.97 2.50 4.00
C ASP A 336 17.43 2.54 4.44
N ALA A 337 17.94 3.75 4.65
CA ALA A 337 19.33 3.99 5.05
C ALA A 337 19.73 3.28 6.34
N ASN A 338 18.77 3.15 7.25
CA ASN A 338 18.96 2.53 8.55
C ASN A 338 18.97 1.02 8.54
N GLU A 339 18.39 0.40 7.51
CA GLU A 339 18.29 -1.05 7.45
C GLU A 339 19.44 -1.71 6.71
N VAL A 340 20.59 -1.74 7.36
CA VAL A 340 21.80 -2.29 6.75
C VAL A 340 21.74 -3.74 6.33
N PRO A 341 21.21 -4.62 7.17
CA PRO A 341 21.14 -6.05 6.80
C PRO A 341 20.47 -6.29 5.45
N ILE A 342 19.33 -5.64 5.19
CA ILE A 342 18.66 -5.85 3.91
C ILE A 342 19.42 -5.17 2.78
N GLN A 343 20.20 -4.13 3.09
CA GLN A 343 21.03 -3.45 2.08
C GLN A 343 22.09 -4.44 1.58
N LYS A 344 22.72 -5.12 2.53
CA LYS A 344 23.74 -6.10 2.21
C LYS A 344 23.17 -7.20 1.34
N MET A 345 21.96 -7.62 1.66
CA MET A 345 21.26 -8.66 0.90
C MET A 345 21.15 -8.27 -0.57
N PHE A 346 20.67 -7.06 -0.83
CA PHE A 346 20.53 -6.58 -2.20
C PHE A 346 21.87 -6.48 -2.89
N GLU A 347 22.86 -5.95 -2.17
CA GLU A 347 24.20 -5.78 -2.73
C GLU A 347 24.84 -7.10 -3.14
N LYS A 348 24.63 -8.16 -2.37
CA LYS A 348 25.15 -9.48 -2.73
C LYS A 348 24.44 -10.03 -3.98
N LEU A 349 23.25 -9.50 -4.27
CA LEU A 349 22.48 -9.91 -5.44
C LEU A 349 22.77 -9.03 -6.64
N GLY A 350 23.67 -8.08 -6.49
CA GLY A 350 24.02 -7.22 -7.60
C GLY A 350 23.07 -6.07 -7.82
N ILE A 351 22.25 -5.76 -6.82
CA ILE A 351 21.30 -4.67 -6.93
C ILE A 351 21.87 -3.45 -6.20
N THR A 352 22.06 -2.38 -6.93
CA THR A 352 22.56 -1.12 -6.40
C THR A 352 21.54 -0.52 -5.43
N THR A 353 21.97 -0.20 -4.23
CA THR A 353 21.10 0.36 -3.22
C THR A 353 21.16 1.88 -3.11
N ILE A 354 20.01 2.53 -3.25
CA ILE A 354 19.92 3.97 -3.14
C ILE A 354 19.30 4.15 -1.77
N LYS A 355 20.13 4.49 -0.78
CA LYS A 355 19.67 4.63 0.59
C LYS A 355 19.09 5.97 0.92
N VAL A 356 17.87 5.97 1.46
CA VAL A 356 17.18 7.18 1.84
C VAL A 356 16.63 6.93 3.22
N ASN A 357 16.65 7.93 4.09
CA ASN A 357 16.13 7.74 5.44
C ASN A 357 14.70 8.28 5.53
N ILE A 358 13.79 7.42 5.94
CA ILE A 358 12.39 7.83 6.09
C ILE A 358 11.83 7.27 7.37
N ARG A 359 12.68 7.23 8.38
CA ARG A 359 12.36 6.73 9.70
C ARG A 359 11.09 7.35 10.28
N ASN A 360 10.93 8.66 10.15
CA ASN A 360 9.74 9.32 10.68
C ASN A 360 8.51 9.19 9.80
N ALA A 361 8.72 9.07 8.49
CA ALA A 361 7.64 8.89 7.55
C ALA A 361 7.04 7.48 7.78
N ASN A 362 7.88 6.54 8.22
CA ASN A 362 7.47 5.18 8.51
C ASN A 362 6.38 5.16 9.57
N SER A 363 6.42 6.12 10.49
CA SER A 363 5.41 6.19 11.55
C SER A 363 3.98 6.29 11.03
N LEU A 364 3.82 6.91 9.86
CA LEU A 364 2.52 7.08 9.22
C LEU A 364 2.00 5.80 8.61
N GLY A 365 2.87 4.80 8.48
CA GLY A 365 2.43 3.52 7.96
C GLY A 365 3.02 2.99 6.69
N GLY A 366 4.07 3.61 6.16
CA GLY A 366 4.62 3.09 4.93
C GLY A 366 6.08 3.29 4.62
N GLY A 367 6.58 2.47 3.69
CA GLY A 367 7.95 2.56 3.24
C GLY A 367 7.97 3.21 1.86
N PHE A 368 8.94 2.86 1.04
CA PHE A 368 9.05 3.47 -0.28
C PHE A 368 7.95 3.08 -1.24
N HIS A 369 7.56 1.81 -1.25
CA HIS A 369 6.51 1.34 -2.14
C HIS A 369 5.16 1.99 -1.78
N CYS A 370 4.89 2.13 -0.49
CA CYS A 370 3.64 2.72 -0.03
C CYS A 370 3.53 4.21 -0.30
N TRP A 371 4.62 4.93 -0.10
CA TRP A 371 4.65 6.37 -0.29
C TRP A 371 4.59 6.81 -1.75
N THR A 372 4.59 5.86 -2.68
CA THR A 372 4.60 6.19 -4.10
C THR A 372 3.58 5.45 -4.94
N CYS A 373 3.47 5.89 -6.19
CA CYS A 373 2.65 5.24 -7.16
C CYS A 373 3.35 5.47 -8.48
N ASP A 374 3.87 4.40 -9.05
CA ASP A 374 4.56 4.46 -10.33
C ASP A 374 3.54 4.63 -11.45
N VAL A 375 3.64 5.78 -12.11
CA VAL A 375 2.76 6.17 -13.20
C VAL A 375 3.25 5.66 -14.57
N ARG A 376 4.57 5.71 -14.75
CA ARG A 376 5.17 5.29 -16.00
C ARG A 376 6.50 4.61 -15.79
N ARG A 377 6.62 3.40 -16.31
CA ARG A 377 7.83 2.58 -16.29
C ARG A 377 8.08 2.22 -17.76
N ARG A 378 9.33 2.23 -18.18
CA ARG A 378 9.62 1.92 -19.55
C ARG A 378 9.61 0.41 -19.77
N GLY A 379 8.61 -0.08 -20.51
CA GLY A 379 8.50 -1.51 -20.78
C GLY A 379 7.21 -1.97 -21.45
N THR A 380 7.09 -3.27 -21.69
CA THR A 380 5.92 -3.85 -22.34
C THR A 380 5.18 -4.87 -21.46
N LEU A 381 3.96 -5.21 -21.86
CA LEU A 381 3.14 -6.17 -21.13
C LEU A 381 3.66 -7.57 -21.40
N GLN A 382 4.01 -8.31 -20.36
CA GLN A 382 4.53 -9.65 -20.54
C GLN A 382 4.03 -10.60 -19.48
N SER A 383 4.32 -11.87 -19.67
CA SER A 383 3.96 -12.90 -18.70
C SER A 383 5.28 -13.41 -18.10
N TYR A 384 5.31 -13.56 -16.78
CA TYR A 384 6.51 -14.01 -16.07
C TYR A 384 6.19 -15.27 -15.28
N LEU A 385 5.01 -15.81 -15.53
CA LEU A 385 4.54 -17.00 -14.85
C LEU A 385 4.48 -18.10 -15.89
N ASP A 386 5.10 -17.84 -17.04
CA ASP A 386 5.16 -18.73 -18.22
C ASP A 386 3.99 -18.48 -19.14
#